data_6AE9
#
_entry.id   6AE9
#
_cell.length_a   166.407
_cell.length_b   166.407
_cell.length_c   46.983
_cell.angle_alpha   90.00
_cell.angle_beta   90.00
_cell.angle_gamma   120.00
#
_symmetry.space_group_name_H-M   'H 3'
#
loop_
_entity.id
_entity.type
_entity.pdbx_description
1 polymer 'Probable protein phosphatase 2C 1'
2 non-polymer 'MAGNESIUM ION'
3 non-polymer 'PHOSPHATE ION'
4 non-polymer (20S)-2,5,8,11,14,17-HEXAMETHYL-3,6,9,12,15,18-HEXAOXAHENICOSANE-1,20-DIOL
5 non-polymer 'MANGANESE (II) ION'
6 water water
#
_entity_poly.entity_id   1
_entity_poly.type   'polypeptide(L)'
_entity_poly.pdbx_seq_one_letter_code
;GLTIGTHLIPHPRKAETGGEDAFFVNGDDGGVFAVADGVSGWAEKDVNPALFSRELMAHTSTFLKDEEVNHDPQLLLMKA
HAATTSVGSATVIIAMLEKTGILKIASVGDCGLKVIRKGQVMFST(OCY)PQEHYFD(OCY)PYQLSSEAIGQTYLDALV
CTVNLMEGDMIVSGSDGFFDNIFDQEIVSVISESPGVDEAAKALAELARKHSVDVTFDSPYSMEARSRGFDVPSWKKFIG
GKLIGGKMNDITVIVAQVKALEHHHHHH
;
_entity_poly.pdbx_strand_id   A,B
#
loop_
_chem_comp.id
_chem_comp.type
_chem_comp.name
_chem_comp.formula
MG non-polymer 'MAGNESIUM ION' 'Mg 2'
MN non-polymer 'MANGANESE (II) ION' 'Mn 2'
PO4 non-polymer 'PHOSPHATE ION' 'O4 P -3'
POG non-polymer (20S)-2,5,8,11,14,17-HEXAMETHYL-3,6,9,12,15,18-HEXAOXAHENICOSANE-1,20-DIOL 'C21 H44 O8'
#
# COMPACT_ATOMS: atom_id res chain seq x y z
N GLY A 1 2.39 16.90 15.78
CA GLY A 1 1.22 16.44 16.49
C GLY A 1 0.08 16.08 15.55
N LEU A 2 -0.99 15.54 16.13
CA LEU A 2 -2.19 15.17 15.39
C LEU A 2 -3.41 15.78 16.04
N THR A 3 -4.34 16.24 15.21
CA THR A 3 -5.69 16.55 15.65
C THR A 3 -6.55 15.37 15.21
N ILE A 4 -7.22 14.72 16.17
CA ILE A 4 -7.81 13.40 15.97
C ILE A 4 -9.31 13.46 16.20
N GLY A 5 -10.08 12.95 15.24
CA GLY A 5 -11.50 12.72 15.42
C GLY A 5 -11.84 11.25 15.17
N THR A 6 -12.92 10.79 15.81
CA THR A 6 -13.30 9.38 15.72
C THR A 6 -14.81 9.26 15.59
N HIS A 7 -15.25 8.15 15.02
CA HIS A 7 -16.68 7.81 15.02
C HIS A 7 -16.83 6.30 14.90
N LEU A 8 -17.71 5.74 15.72
CA LEU A 8 -17.93 4.30 15.77
CA LEU A 8 -17.93 4.30 15.77
C LEU A 8 -19.41 4.02 15.56
N ILE A 9 -19.70 3.09 14.66
CA ILE A 9 -21.08 2.65 14.42
C ILE A 9 -21.10 1.13 14.52
N PRO A 10 -21.65 0.57 15.60
CA PRO A 10 -21.72 -0.88 15.73
C PRO A 10 -22.62 -1.50 14.68
N HIS A 11 -22.35 -2.77 14.38
CA HIS A 11 -23.22 -3.62 13.58
C HIS A 11 -24.65 -3.41 14.07
N PRO A 12 -25.61 -3.23 13.17
CA PRO A 12 -26.99 -2.93 13.61
C PRO A 12 -27.54 -3.89 14.66
N ARG A 13 -27.13 -5.15 14.64
CA ARG A 13 -27.63 -6.14 15.58
C ARG A 13 -26.75 -6.28 16.82
N LYS A 14 -25.74 -5.42 16.98
CA LYS A 14 -24.88 -5.44 18.16
C LYS A 14 -24.76 -4.06 18.81
N ALA A 15 -25.68 -3.15 18.49
CA ALA A 15 -25.57 -1.78 18.99
C ALA A 15 -25.84 -1.70 20.49
N GLU A 16 -26.68 -2.59 21.02
CA GLU A 16 -27.02 -2.53 22.44
C GLU A 16 -25.79 -2.73 23.32
N THR A 17 -24.82 -3.52 22.87
CA THR A 17 -23.59 -3.76 23.61
C THR A 17 -22.39 -2.99 23.06
N GLY A 18 -22.60 -2.17 22.03
CA GLY A 18 -21.54 -1.35 21.48
C GLY A 18 -20.65 -2.02 20.45
N GLY A 19 -20.95 -3.25 20.05
CA GLY A 19 -20.15 -3.93 19.06
C GLY A 19 -18.84 -4.45 19.64
N GLU A 20 -17.99 -4.92 18.73
CA GLU A 20 -16.76 -5.62 19.11
C GLU A 20 -15.50 -4.96 18.57
N ASP A 21 -15.63 -3.81 17.91
CA ASP A 21 -14.48 -2.96 17.62
C ASP A 21 -14.15 -2.15 18.87
N ALA A 22 -12.87 -1.84 19.04
CA ALA A 22 -12.43 -0.99 20.13
C ALA A 22 -11.32 -0.08 19.62
N PHE A 23 -11.07 1.03 20.32
CA PHE A 23 -10.04 1.94 19.88
C PHE A 23 -9.48 2.72 21.06
N PHE A 24 -8.34 3.37 20.81
CA PHE A 24 -7.70 4.28 21.75
C PHE A 24 -7.10 5.43 20.94
N VAL A 25 -7.25 6.65 21.42
CA VAL A 25 -6.63 7.81 20.80
C VAL A 25 -6.02 8.68 21.88
N ASN A 26 -4.89 9.31 21.56
CA ASN A 26 -4.30 10.33 22.43
C ASN A 26 -3.65 11.37 21.54
N GLY A 27 -4.28 12.55 21.43
CA GLY A 27 -3.73 13.62 20.63
C GLY A 27 -3.05 14.71 21.43
N ASP A 28 -2.68 14.41 22.68
CA ASP A 28 -2.14 15.43 23.57
C ASP A 28 -0.70 15.80 23.27
N ASP A 29 0.11 14.85 22.77
CA ASP A 29 1.52 15.10 22.52
C ASP A 29 1.79 14.90 21.04
N GLY A 30 2.62 13.91 20.67
CA GLY A 30 2.94 13.71 19.26
C GLY A 30 1.81 13.12 18.48
N GLY A 31 0.94 12.35 19.14
CA GLY A 31 -0.21 11.76 18.49
C GLY A 31 -0.08 10.26 18.35
N VAL A 32 -1.07 9.52 18.86
CA VAL A 32 -1.07 8.06 18.78
C VAL A 32 -2.50 7.59 18.75
N PHE A 33 -2.76 6.51 18.00
CA PHE A 33 -4.07 5.88 18.05
C PHE A 33 -3.92 4.41 17.74
N ALA A 34 -4.97 3.66 18.08
CA ALA A 34 -4.99 2.23 17.83
C ALA A 34 -6.43 1.80 17.65
N VAL A 35 -6.62 0.77 16.82
CA VAL A 35 -7.93 0.16 16.58
C VAL A 35 -7.76 -1.34 16.71
N ALA A 36 -8.73 -2.00 17.33
CA ALA A 36 -8.78 -3.46 17.38
C ALA A 36 -10.19 -3.92 17.02
N ASP A 37 -10.26 -4.94 16.19
CA ASP A 37 -11.53 -5.49 15.71
C ASP A 37 -11.65 -6.91 16.25
N GLY A 38 -12.49 -7.10 17.26
CA GLY A 38 -12.76 -8.43 17.78
C GLY A 38 -13.38 -9.31 16.71
N VAL A 39 -12.87 -10.53 16.56
CA VAL A 39 -13.24 -11.37 15.42
C VAL A 39 -14.62 -11.97 15.64
N SER A 40 -15.53 -11.71 14.70
CA SER A 40 -16.83 -12.34 14.71
C SER A 40 -16.67 -13.85 14.67
N GLY A 41 -17.50 -14.55 15.42
CA GLY A 41 -17.44 -15.99 15.51
C GLY A 41 -17.10 -16.50 16.88
N TRP A 42 -16.45 -15.69 17.72
CA TRP A 42 -16.25 -16.10 19.11
C TRP A 42 -17.56 -16.26 19.85
N ALA A 43 -18.61 -15.58 19.41
CA ALA A 43 -19.92 -15.77 20.03
C ALA A 43 -20.38 -17.22 19.93
N GLU A 44 -19.89 -17.95 18.92
CA GLU A 44 -20.21 -19.37 18.79
C GLU A 44 -19.52 -20.22 19.85
N LYS A 45 -18.43 -19.74 20.43
CA LYS A 45 -17.80 -20.38 21.58
C LYS A 45 -18.45 -19.98 22.89
N ASP A 46 -19.54 -19.21 22.83
CA ASP A 46 -20.14 -18.64 24.04
C ASP A 46 -19.12 -17.79 24.79
N VAL A 47 -18.37 -17.00 24.03
CA VAL A 47 -17.35 -16.09 24.53
C VAL A 47 -17.82 -14.68 24.24
N ASN A 48 -17.75 -13.80 25.25
CA ASN A 48 -18.05 -12.38 25.02
C ASN A 48 -17.11 -11.84 23.95
N PRO A 49 -17.62 -11.60 22.74
CA PRO A 49 -16.72 -11.29 21.63
C PRO A 49 -16.05 -9.91 21.70
N ALA A 50 -16.48 -9.04 22.61
CA ALA A 50 -15.92 -7.70 22.71
C ALA A 50 -14.77 -7.60 23.69
N LEU A 51 -14.56 -8.60 24.54
CA LEU A 51 -13.64 -8.42 25.66
C LEU A 51 -12.19 -8.36 25.20
N PHE A 52 -11.80 -9.22 24.26
CA PHE A 52 -10.39 -9.27 23.85
C PHE A 52 -9.96 -7.94 23.22
N SER A 53 -10.77 -7.41 22.29
CA SER A 53 -10.37 -6.15 21.65
C SER A 53 -10.35 -5.00 22.66
N ARG A 54 -11.35 -4.92 23.54
CA ARG A 54 -11.38 -3.85 24.53
C ARG A 54 -10.19 -3.95 25.48
N GLU A 55 -9.87 -5.16 25.94
CA GLU A 55 -8.74 -5.31 26.85
C GLU A 55 -7.42 -5.01 26.16
N LEU A 56 -7.25 -5.47 24.91
CA LEU A 56 -6.04 -5.19 24.17
C LEU A 56 -5.80 -3.69 24.05
N MET A 57 -6.86 -2.92 23.80
CA MET A 57 -6.72 -1.46 23.74
C MET A 57 -6.38 -0.87 25.09
N ALA A 58 -7.00 -1.37 26.16
CA ALA A 58 -6.68 -0.88 27.50
C ALA A 58 -5.21 -1.08 27.81
N HIS A 59 -4.67 -2.27 27.54
CA HIS A 59 -3.26 -2.51 27.81
C HIS A 59 -2.35 -1.71 26.89
N THR A 60 -2.78 -1.47 25.65
CA THR A 60 -2.00 -0.60 24.77
C THR A 60 -1.80 0.78 25.40
N SER A 61 -2.88 1.35 25.96
CA SER A 61 -2.76 2.64 26.63
C SER A 61 -1.81 2.58 27.83
N THR A 62 -1.83 1.48 28.58
CA THR A 62 -0.94 1.35 29.72
C THR A 62 0.52 1.25 29.28
N PHE A 63 0.79 0.40 28.30
CA PHE A 63 2.17 0.24 27.85
C PHE A 63 2.70 1.46 27.10
N LEU A 64 1.82 2.38 26.68
CA LEU A 64 2.29 3.66 26.18
C LEU A 64 3.03 4.47 27.26
N LYS A 65 2.94 4.05 28.52
CA LYS A 65 3.70 4.65 29.61
C LYS A 65 4.90 3.81 30.02
N ASP A 66 5.25 2.80 29.21
CA ASP A 66 6.42 1.95 29.44
C ASP A 66 7.52 2.43 28.50
N GLU A 67 8.56 3.04 29.05
CA GLU A 67 9.60 3.65 28.23
C GLU A 67 10.39 2.63 27.42
N GLU A 68 10.31 1.36 27.77
CA GLU A 68 11.02 0.34 27.00
C GLU A 68 10.38 0.10 25.64
N VAL A 69 9.07 0.33 25.50
CA VAL A 69 8.36 -0.04 24.27
C VAL A 69 7.55 1.09 23.66
N ASN A 70 7.46 2.23 24.34
CA ASN A 70 6.43 3.21 23.94
C ASN A 70 6.81 4.06 22.74
N HIS A 71 7.94 3.81 22.09
CA HIS A 71 8.24 4.41 20.80
C HIS A 71 8.28 3.39 19.69
N ASP A 72 7.77 2.18 19.93
CA ASP A 72 7.82 1.08 18.95
C ASP A 72 6.47 0.39 18.93
N PRO A 73 5.60 0.75 17.98
CA PRO A 73 4.29 0.07 17.88
C PRO A 73 4.34 -1.45 17.93
N GLN A 74 5.34 -2.08 17.30
CA GLN A 74 5.41 -3.54 17.31
C GLN A 74 5.64 -4.09 18.72
N LEU A 75 6.51 -3.43 19.50
CA LEU A 75 6.75 -3.85 20.87
C LEU A 75 5.57 -3.52 21.78
N LEU A 76 4.84 -2.45 21.49
CA LEU A 76 3.60 -2.18 22.20
C LEU A 76 2.61 -3.33 21.99
N LEU A 77 2.47 -3.80 20.76
CA LEU A 77 1.61 -4.95 20.49
C LEU A 77 2.08 -6.16 21.28
N MET A 78 3.39 -6.42 21.29
CA MET A 78 3.95 -7.55 22.01
C MET A 78 3.50 -7.53 23.47
N LYS A 79 3.67 -6.38 24.14
CA LYS A 79 3.33 -6.30 25.56
C LYS A 79 1.82 -6.37 25.78
N ALA A 80 1.07 -5.61 24.99
CA ALA A 80 -0.38 -5.57 25.16
C ALA A 80 -1.00 -6.95 24.95
N HIS A 81 -0.55 -7.66 23.91
CA HIS A 81 -1.07 -8.99 23.64
C HIS A 81 -0.77 -9.94 24.79
N ALA A 82 0.48 -9.94 25.26
CA ALA A 82 0.85 -10.87 26.33
C ALA A 82 0.13 -10.57 27.63
N ALA A 83 -0.29 -9.33 27.84
CA ALA A 83 -1.03 -8.97 29.05
C ALA A 83 -2.52 -9.23 28.95
N THR A 84 -3.03 -9.60 27.78
CA THR A 84 -4.47 -9.76 27.58
C THR A 84 -4.89 -11.17 27.98
N THR A 85 -5.76 -11.25 29.00
CA THR A 85 -6.22 -12.55 29.50
C THR A 85 -7.60 -12.95 29.02
N SER A 86 -8.38 -12.02 28.47
CA SER A 86 -9.71 -12.36 27.95
C SER A 86 -9.58 -13.38 26.83
N VAL A 87 -10.53 -14.32 26.78
CA VAL A 87 -10.60 -15.25 25.66
C VAL A 87 -11.14 -14.51 24.43
N GLY A 88 -10.50 -14.73 23.29
CA GLY A 88 -10.96 -14.13 22.06
C GLY A 88 -9.79 -13.83 21.13
N SER A 89 -10.06 -12.99 20.13
CA SER A 89 -9.03 -12.59 19.18
C SER A 89 -9.45 -11.30 18.49
N ALA A 90 -8.48 -10.66 17.85
CA ALA A 90 -8.72 -9.38 17.20
C ALA A 90 -7.64 -9.09 16.16
N THR A 91 -8.03 -8.39 15.11
CA THR A 91 -7.08 -7.67 14.28
C THR A 91 -6.79 -6.34 14.96
N VAL A 92 -5.65 -5.74 14.64
CA VAL A 92 -5.21 -4.56 15.37
C VAL A 92 -4.24 -3.74 14.53
N ILE A 93 -4.31 -2.43 14.68
CA ILE A 93 -3.31 -1.53 14.14
C ILE A 93 -2.99 -0.47 15.19
N ILE A 94 -1.70 -0.15 15.33
CA ILE A 94 -1.23 0.96 16.16
C ILE A 94 -0.43 1.91 15.27
N ALA A 95 -0.70 3.20 15.39
CA ALA A 95 0.05 4.23 14.66
C ALA A 95 0.47 5.33 15.61
N MET A 96 1.70 5.79 15.46
CA MET A 96 2.29 6.77 16.37
C MET A 96 3.09 7.78 15.55
N LEU A 97 2.84 9.07 15.77
CA LEU A 97 3.52 10.12 15.02
C LEU A 97 4.63 10.72 15.88
N GLU A 98 5.86 10.65 15.38
CA GLU A 98 6.94 11.37 16.04
C GLU A 98 6.92 12.84 15.63
N LYS A 99 7.59 13.67 16.43
CA LYS A 99 7.55 15.12 16.21
C LYS A 99 8.21 15.52 14.90
N THR A 100 9.05 14.65 14.34
CA THR A 100 9.63 14.83 13.01
C THR A 100 8.60 14.66 11.92
N GLY A 101 7.46 14.04 12.21
CA GLY A 101 6.51 13.69 11.19
C GLY A 101 6.61 12.26 10.71
N ILE A 102 7.48 11.46 11.29
CA ILE A 102 7.53 10.05 10.93
C ILE A 102 6.38 9.32 11.63
N LEU A 103 5.49 8.73 10.84
CA LEU A 103 4.40 7.92 11.35
C LEU A 103 4.86 6.47 11.39
N LYS A 104 4.90 5.89 12.59
CA LYS A 104 5.28 4.50 12.79
C LYS A 104 4.01 3.65 12.93
N ILE A 105 3.97 2.53 12.22
CA ILE A 105 2.78 1.67 12.16
C ILE A 105 3.17 0.22 12.46
N ALA A 106 2.34 -0.46 13.22
CA ALA A 106 2.38 -1.92 13.32
C ALA A 106 0.97 -2.45 13.18
N SER A 107 0.79 -3.45 12.32
CA SER A 107 -0.54 -3.95 12.01
C SER A 107 -0.55 -5.48 11.99
N VAL A 108 -1.58 -6.07 12.58
CA VAL A 108 -1.84 -7.51 12.46
C VAL A 108 -3.27 -7.67 11.97
N GLY A 109 -3.43 -8.17 10.74
CA GLY A 109 -4.76 -8.43 10.23
C GLY A 109 -5.26 -7.43 9.20
N ASP A 110 -6.55 -7.11 9.27
CA ASP A 110 -7.20 -6.33 8.22
C ASP A 110 -7.87 -5.06 8.72
N CYS A 111 -7.40 -4.51 9.84
CA CYS A 111 -7.56 -3.07 10.00
C CYS A 111 -6.74 -2.38 8.93
N GLY A 112 -6.91 -1.07 8.81
CA GLY A 112 -6.28 -0.37 7.72
C GLY A 112 -5.92 1.05 8.07
N LEU A 113 -5.03 1.62 7.28
CA LEU A 113 -4.63 3.02 7.42
C LEU A 113 -4.27 3.55 6.04
N LYS A 114 -4.78 4.74 5.72
CA LYS A 114 -4.42 5.44 4.50
C LYS A 114 -3.95 6.85 4.85
N VAL A 115 -3.04 7.38 4.05
CA VAL A 115 -2.62 8.77 4.14
C VAL A 115 -3.04 9.47 2.86
N ILE A 116 -3.77 10.56 3.00
CA ILE A 116 -4.22 11.37 1.87
C ILE A 116 -3.42 12.66 1.88
N ARG A 117 -2.72 12.91 0.77
CA ARG A 117 -1.92 14.13 0.59
C ARG A 117 -2.25 14.69 -0.78
N LYS A 118 -2.53 15.98 -0.84
CA LYS A 118 -2.78 16.68 -2.10
C LYS A 118 -3.77 15.94 -2.99
N GLY A 119 -4.90 15.54 -2.39
CA GLY A 119 -6.02 15.02 -3.13
C GLY A 119 -5.92 13.58 -3.59
N GLN A 120 -4.99 12.80 -3.04
CA GLN A 120 -4.89 11.41 -3.43
C GLN A 120 -4.34 10.58 -2.27
N VAL A 121 -4.63 9.29 -2.31
CA VAL A 121 -4.05 8.35 -1.36
C VAL A 121 -2.59 8.12 -1.73
N MET A 122 -1.68 8.47 -0.82
CA MET A 122 -0.27 8.30 -1.07
C MET A 122 0.35 7.17 -0.26
N PHE A 123 -0.40 6.59 0.68
CA PHE A 123 0.10 5.46 1.45
C PHE A 123 -1.12 4.66 1.88
N SER A 124 -1.01 3.33 1.82
CA SER A 124 -2.13 2.47 2.20
C SER A 124 -1.59 1.14 2.68
N THR A 125 -1.97 0.74 3.89
CA THR A 125 -1.57 -0.55 4.41
C THR A 125 -2.26 -1.68 3.67
N OCY A 126 -1.61 -2.84 3.68
CA OCY A 126 -2.14 -4.01 3.02
CB OCY A 126 -1.10 -4.78 2.18
SG OCY A 126 -0.42 -3.80 0.86
CD OCY A 126 -1.81 -3.53 -0.24
CE OCY A 126 -1.83 -4.68 -1.20
OZ OCY A 126 -3.14 -5.24 -1.07
C OCY A 126 -2.64 -4.99 4.09
O OCY A 126 -1.99 -5.26 5.09
N PRO A 127 -3.85 -5.53 3.88
CA PRO A 127 -4.39 -6.51 4.84
C PRO A 127 -3.65 -7.84 4.82
N GLN A 128 -3.60 -8.53 5.97
CA GLN A 128 -2.98 -9.84 6.07
C GLN A 128 -4.07 -10.87 6.36
N GLU A 129 -4.08 -11.96 5.60
CA GLU A 129 -5.04 -13.00 5.88
C GLU A 129 -4.50 -14.38 5.55
N HIS A 130 -5.12 -15.39 6.17
CA HIS A 130 -4.82 -16.78 5.85
C HIS A 130 -5.55 -17.24 4.62
N TYR A 131 -6.75 -16.71 4.40
CA TYR A 131 -7.56 -16.89 3.20
C TYR A 131 -8.65 -15.82 3.30
N PHE A 132 -9.53 -15.78 2.30
CA PHE A 132 -10.48 -14.67 2.22
C PHE A 132 -11.32 -14.56 3.47
N ASP A 133 -11.27 -13.38 4.11
CA ASP A 133 -12.05 -13.06 5.31
C ASP A 133 -11.64 -13.83 6.56
N OCY A 134 -10.43 -14.38 6.56
CA OCY A 134 -9.87 -15.02 7.72
CB OCY A 134 -9.67 -16.55 7.55
SG OCY A 134 -8.89 -17.36 8.92
CD OCY A 134 -9.41 -16.50 10.36
CE OCY A 134 -10.87 -16.78 10.64
OZ OCY A 134 -11.34 -15.67 11.38
C OCY A 134 -8.53 -14.33 7.95
O OCY A 134 -7.47 -14.73 7.48
N PRO A 135 -8.58 -13.23 8.71
CA PRO A 135 -7.38 -12.40 8.86
C PRO A 135 -6.35 -12.95 9.85
N TYR A 136 -5.10 -12.51 9.70
CA TYR A 136 -4.16 -12.65 10.80
C TYR A 136 -4.77 -11.98 12.02
N GLN A 137 -4.56 -12.57 13.20
CA GLN A 137 -5.23 -12.05 14.38
C GLN A 137 -4.44 -12.46 15.61
N LEU A 138 -4.36 -11.54 16.58
CA LEU A 138 -3.81 -11.86 17.89
C LEU A 138 -4.91 -12.48 18.73
N SER A 139 -4.57 -13.51 19.51
CA SER A 139 -5.58 -14.35 20.11
C SER A 139 -5.17 -14.82 21.50
N SER A 140 -6.17 -15.30 22.23
CA SER A 140 -5.96 -16.10 23.42
C SER A 140 -5.51 -17.51 23.10
N GLU A 141 -5.59 -17.95 21.85
CA GLU A 141 -5.31 -19.32 21.46
C GLU A 141 -3.96 -19.42 20.74
N ALA A 142 -3.30 -20.56 20.91
CA ALA A 142 -1.98 -20.76 20.32
C ALA A 142 -2.01 -20.66 18.80
N ILE A 143 -3.15 -20.94 18.17
CA ILE A 143 -3.22 -20.94 16.71
C ILE A 143 -3.14 -19.53 16.12
N GLY A 144 -3.34 -18.51 16.93
CA GLY A 144 -3.30 -17.14 16.43
C GLY A 144 -1.89 -16.67 16.14
N GLN A 145 -1.80 -15.41 15.72
CA GLN A 145 -0.53 -14.79 15.38
C GLN A 145 0.04 -14.05 16.58
N THR A 146 1.29 -13.59 16.44
CA THR A 146 1.95 -12.82 17.49
C THR A 146 2.52 -11.55 16.88
N TYR A 147 3.14 -10.72 17.73
CA TYR A 147 3.76 -9.49 17.25
C TYR A 147 4.80 -9.76 16.18
N LEU A 148 5.39 -10.97 16.18
CA LEU A 148 6.37 -11.31 15.15
C LEU A 148 5.76 -11.33 13.76
N ASP A 149 4.44 -11.48 13.67
CA ASP A 149 3.74 -11.52 12.40
C ASP A 149 3.24 -10.16 11.93
N ALA A 150 3.47 -9.11 12.71
CA ALA A 150 2.98 -7.78 12.35
C ALA A 150 3.71 -7.28 11.11
N LEU A 151 2.96 -6.57 10.26
CA LEU A 151 3.61 -5.72 9.26
C LEU A 151 3.99 -4.42 9.96
N VAL A 152 5.27 -4.11 9.93
CA VAL A 152 5.83 -2.95 10.61
C VAL A 152 6.43 -2.03 9.56
N CYS A 153 6.01 -0.77 9.57
CA CYS A 153 6.43 0.17 8.53
C CYS A 153 6.36 1.58 9.07
N THR A 154 6.93 2.52 8.32
CA THR A 154 6.79 3.94 8.63
C THR A 154 6.52 4.70 7.35
N VAL A 155 5.97 5.91 7.51
CA VAL A 155 5.78 6.84 6.39
C VAL A 155 6.02 8.25 6.91
N ASN A 156 6.77 9.04 6.14
CA ASN A 156 7.08 10.40 6.55
C ASN A 156 5.94 11.32 6.13
N LEU A 157 5.41 12.07 7.09
CA LEU A 157 4.25 12.90 6.87
C LEU A 157 4.63 14.38 6.84
N MET A 158 3.74 15.17 6.27
CA MET A 158 3.90 16.61 6.18
C MET A 158 2.67 17.27 6.78
N GLU A 159 2.84 18.52 7.21
CA GLU A 159 1.71 19.25 7.74
C GLU A 159 0.57 19.28 6.73
N GLY A 160 -0.64 19.04 7.23
CA GLY A 160 -1.82 18.99 6.39
C GLY A 160 -2.21 17.60 5.92
N ASP A 161 -1.29 16.63 5.99
CA ASP A 161 -1.63 15.27 5.62
C ASP A 161 -2.81 14.78 6.46
N MET A 162 -3.66 13.97 5.85
CA MET A 162 -4.83 13.41 6.52
C MET A 162 -4.65 11.91 6.63
N ILE A 163 -4.71 11.39 7.85
CA ILE A 163 -4.65 9.95 8.11
C ILE A 163 -6.07 9.46 8.33
N VAL A 164 -6.44 8.38 7.64
CA VAL A 164 -7.74 7.73 7.81
C VAL A 164 -7.47 6.27 8.17
N SER A 165 -7.94 5.85 9.34
CA SER A 165 -7.69 4.51 9.81
C SER A 165 -8.97 3.92 10.36
N GLY A 166 -9.03 2.61 10.47
CA GLY A 166 -10.25 2.00 10.96
C GLY A 166 -10.22 0.49 10.79
N SER A 167 -11.36 -0.11 11.10
CA SER A 167 -11.51 -1.55 11.01
C SER A 167 -11.94 -1.95 9.60
N ASP A 168 -11.92 -3.26 9.35
CA ASP A 168 -12.38 -3.74 8.04
C ASP A 168 -13.84 -3.39 7.77
N GLY A 169 -14.66 -3.17 8.80
CA GLY A 169 -16.03 -2.77 8.55
C GLY A 169 -16.12 -1.46 7.81
N PHE A 170 -15.12 -0.59 8.00
CA PHE A 170 -15.03 0.64 7.23
C PHE A 170 -14.52 0.35 5.82
N PHE A 171 -13.31 -0.21 5.70
CA PHE A 171 -12.67 -0.30 4.39
C PHE A 171 -13.37 -1.28 3.46
N ASP A 172 -14.06 -2.29 3.99
CA ASP A 172 -14.78 -3.21 3.11
C ASP A 172 -16.00 -2.58 2.48
N ASN A 173 -16.40 -1.38 2.92
CA ASN A 173 -17.65 -0.76 2.54
C ASN A 173 -17.47 0.64 1.96
N ILE A 174 -16.26 0.99 1.54
CA ILE A 174 -16.00 2.33 1.00
C ILE A 174 -14.80 2.26 0.07
N PHE A 175 -14.89 2.97 -1.05
CA PHE A 175 -13.79 3.02 -2.01
C PHE A 175 -12.90 4.21 -1.71
N ASP A 176 -11.63 4.10 -2.13
CA ASP A 176 -10.64 5.14 -1.84
C ASP A 176 -11.11 6.50 -2.34
N GLN A 177 -11.74 6.54 -3.52
CA GLN A 177 -12.16 7.83 -4.05
C GLN A 177 -13.28 8.45 -3.24
N GLU A 178 -14.12 7.62 -2.59
CA GLU A 178 -15.11 8.17 -1.68
C GLU A 178 -14.45 8.75 -0.44
N ILE A 179 -13.42 8.08 0.06
CA ILE A 179 -12.67 8.63 1.19
C ILE A 179 -12.08 9.98 0.82
N VAL A 180 -11.41 10.07 -0.33
CA VAL A 180 -10.81 11.32 -0.76
C VAL A 180 -11.87 12.40 -0.93
N SER A 181 -13.01 12.05 -1.55
CA SER A 181 -14.07 13.02 -1.76
C SER A 181 -14.63 13.56 -0.45
N VAL A 182 -14.90 12.66 0.51
CA VAL A 182 -15.47 13.10 1.78
C VAL A 182 -14.47 13.94 2.56
N ILE A 183 -13.20 13.54 2.56
CA ILE A 183 -12.16 14.32 3.24
C ILE A 183 -12.08 15.72 2.63
N SER A 184 -12.18 15.80 1.30
CA SER A 184 -12.05 17.09 0.63
C SER A 184 -13.14 18.06 1.04
N GLU A 185 -14.35 17.56 1.32
CA GLU A 185 -15.47 18.44 1.63
C GLU A 185 -15.74 18.55 3.11
N SER A 186 -14.86 18.00 3.97
CA SER A 186 -15.07 18.06 5.41
C SER A 186 -14.30 19.22 6.02
N PRO A 187 -14.93 20.02 6.88
CA PRO A 187 -14.21 21.16 7.47
C PRO A 187 -13.34 20.83 8.67
N GLY A 188 -13.38 19.60 9.18
CA GLY A 188 -12.61 19.24 10.37
C GLY A 188 -12.60 17.74 10.55
N VAL A 189 -11.76 17.29 11.48
CA VAL A 189 -11.54 15.85 11.66
C VAL A 189 -12.78 15.17 12.25
N ASP A 190 -13.49 15.85 13.15
CA ASP A 190 -14.70 15.23 13.72
C ASP A 190 -15.76 15.04 12.64
N GLU A 191 -15.94 16.07 11.81
CA GLU A 191 -16.93 16.00 10.73
C GLU A 191 -16.55 14.94 9.71
N ALA A 192 -15.25 14.82 9.40
CA ALA A 192 -14.81 13.81 8.45
C ALA A 192 -15.04 12.41 9.00
N ALA A 193 -14.69 12.18 10.27
CA ALA A 193 -14.85 10.84 10.83
C ALA A 193 -16.31 10.42 10.84
N LYS A 194 -17.22 11.33 11.21
CA LYS A 194 -18.63 10.99 11.24
C LYS A 194 -19.17 10.78 9.82
N ALA A 195 -18.84 11.65 8.88
CA ALA A 195 -19.33 11.50 7.51
C ALA A 195 -18.81 10.23 6.88
N LEU A 196 -17.54 9.90 7.12
CA LEU A 196 -16.96 8.67 6.56
C LEU A 196 -17.63 7.44 7.16
N ALA A 197 -17.79 7.41 8.48
CA ALA A 197 -18.43 6.26 9.12
C ALA A 197 -19.87 6.08 8.63
N GLU A 198 -20.62 7.19 8.52
CA GLU A 198 -22.01 7.09 8.12
C GLU A 198 -22.15 6.63 6.67
N LEU A 199 -21.22 7.04 5.80
CA LEU A 199 -21.27 6.59 4.41
C LEU A 199 -20.99 5.09 4.32
N ALA A 200 -19.96 4.63 5.03
CA ALA A 200 -19.69 3.20 5.08
C ALA A 200 -20.87 2.43 5.65
N ARG A 201 -21.52 2.98 6.68
CA ARG A 201 -22.69 2.32 7.27
C ARG A 201 -23.82 2.20 6.25
N LYS A 202 -24.10 3.29 5.53
CA LYS A 202 -25.12 3.25 4.49
C LYS A 202 -24.82 2.17 3.46
N HIS A 203 -23.56 2.07 3.05
CA HIS A 203 -23.16 1.05 2.08
C HIS A 203 -23.29 -0.34 2.67
N SER A 204 -22.95 -0.50 3.95
CA SER A 204 -22.84 -1.82 4.55
C SER A 204 -24.18 -2.55 4.58
N VAL A 205 -25.28 -1.82 4.66
CA VAL A 205 -26.61 -2.42 4.74
C VAL A 205 -27.32 -2.42 3.38
N ASP A 206 -26.60 -2.09 2.31
CA ASP A 206 -27.18 -1.89 0.99
C ASP A 206 -26.84 -3.10 0.11
N VAL A 207 -27.85 -3.93 -0.15
CA VAL A 207 -27.63 -5.09 -1.02
C VAL A 207 -27.31 -4.70 -2.46
N THR A 208 -27.60 -3.45 -2.84
CA THR A 208 -27.35 -2.99 -4.21
C THR A 208 -25.97 -2.38 -4.41
N PHE A 209 -25.20 -2.19 -3.33
CA PHE A 209 -23.89 -1.55 -3.41
C PHE A 209 -22.83 -2.61 -3.68
N ASP A 210 -22.14 -2.49 -4.81
CA ASP A 210 -21.05 -3.41 -5.16
C ASP A 210 -19.83 -3.01 -4.34
N SER A 211 -19.79 -3.51 -3.12
CA SER A 211 -18.80 -3.06 -2.15
C SER A 211 -17.42 -3.58 -2.51
N PRO A 212 -16.36 -2.94 -1.98
CA PRO A 212 -15.02 -3.53 -2.13
C PRO A 212 -14.95 -4.97 -1.68
N TYR A 213 -15.66 -5.31 -0.60
CA TYR A 213 -15.70 -6.69 -0.12
C TYR A 213 -16.26 -7.63 -1.18
N SER A 214 -17.41 -7.29 -1.76
CA SER A 214 -18.04 -8.19 -2.72
C SER A 214 -17.23 -8.27 -4.01
N MET A 215 -16.65 -7.14 -4.46
CA MET A 215 -15.78 -7.17 -5.62
C MET A 215 -14.55 -8.03 -5.38
N GLU A 216 -13.96 -7.92 -4.18
CA GLU A 216 -12.80 -8.73 -3.86
C GLU A 216 -13.13 -10.22 -3.85
N ALA A 217 -14.30 -10.57 -3.29
CA ALA A 217 -14.70 -11.97 -3.24
C ALA A 217 -14.86 -12.54 -4.65
N ARG A 218 -15.43 -11.77 -5.57
CA ARG A 218 -15.58 -12.23 -6.95
C ARG A 218 -14.23 -12.43 -7.62
N SER A 219 -13.28 -11.52 -7.36
CA SER A 219 -11.94 -11.65 -7.92
C SER A 219 -11.18 -12.84 -7.38
N ARG A 220 -11.64 -13.48 -6.30
CA ARG A 220 -11.01 -14.68 -5.79
C ARG A 220 -11.57 -15.96 -6.41
N GLY A 221 -12.78 -15.90 -6.96
CA GLY A 221 -13.42 -17.04 -7.55
C GLY A 221 -14.66 -17.55 -6.82
N PHE A 222 -15.26 -16.74 -5.95
CA PHE A 222 -16.49 -17.15 -5.26
C PHE A 222 -17.74 -16.91 -6.10
N ASP A 223 -17.59 -16.36 -7.31
CA ASP A 223 -18.69 -16.18 -8.25
C ASP A 223 -18.79 -17.33 -9.25
N VAL A 224 -17.86 -18.27 -9.23
CA VAL A 224 -17.89 -19.42 -10.14
C VAL A 224 -19.08 -20.29 -9.77
N PRO A 225 -19.63 -21.08 -10.71
CA PRO A 225 -20.86 -21.82 -10.41
C PRO A 225 -20.78 -22.75 -9.21
N SER A 226 -19.64 -23.41 -9.00
CA SER A 226 -19.54 -24.36 -7.89
C SER A 226 -19.64 -23.66 -6.54
N TRP A 227 -18.98 -22.51 -6.39
CA TRP A 227 -19.04 -21.79 -5.12
C TRP A 227 -20.35 -21.02 -4.98
N LYS A 228 -20.85 -20.43 -6.07
CA LYS A 228 -22.12 -19.72 -6.02
C LYS A 228 -23.26 -20.67 -5.66
N LYS A 229 -23.28 -21.87 -6.26
CA LYS A 229 -24.29 -22.85 -5.91
C LYS A 229 -24.15 -23.32 -4.46
N PHE A 230 -22.91 -23.41 -3.97
CA PHE A 230 -22.69 -23.89 -2.61
C PHE A 230 -23.19 -22.89 -1.58
N ILE A 231 -22.96 -21.60 -1.80
CA ILE A 231 -23.41 -20.60 -0.84
C ILE A 231 -24.88 -20.23 -1.04
N GLY A 232 -25.47 -20.58 -2.18
CA GLY A 232 -26.89 -20.38 -2.41
C GLY A 232 -27.24 -19.19 -3.28
N GLY A 233 -26.26 -18.47 -3.79
CA GLY A 233 -26.53 -17.30 -4.60
C GLY A 233 -25.30 -16.43 -4.71
N LYS A 234 -25.41 -15.42 -5.56
CA LYS A 234 -24.29 -14.50 -5.77
C LYS A 234 -23.96 -13.77 -4.47
N LEU A 235 -22.67 -13.59 -4.22
CA LEU A 235 -22.20 -12.79 -3.10
C LEU A 235 -22.22 -11.33 -3.54
N ILE A 236 -23.10 -10.53 -2.92
CA ILE A 236 -23.36 -9.18 -3.37
C ILE A 236 -23.54 -8.25 -2.18
N GLY A 237 -23.45 -6.94 -2.45
CA GLY A 237 -23.87 -5.93 -1.50
C GLY A 237 -22.77 -5.48 -0.57
N GLY A 238 -23.17 -4.59 0.34
CA GLY A 238 -22.32 -4.22 1.45
C GLY A 238 -22.15 -5.36 2.41
N LYS A 239 -21.17 -5.19 3.31
CA LYS A 239 -20.81 -6.19 4.30
C LYS A 239 -21.15 -5.64 5.67
N MET A 240 -22.19 -6.20 6.30
CA MET A 240 -22.59 -5.71 7.60
C MET A 240 -21.49 -5.99 8.62
N ASN A 241 -21.18 -4.98 9.44
CA ASN A 241 -20.00 -5.08 10.30
C ASN A 241 -19.94 -3.88 11.23
N ASP A 242 -19.30 -4.03 12.38
CA ASP A 242 -18.92 -2.88 13.18
C ASP A 242 -18.03 -1.97 12.33
N ILE A 243 -18.21 -0.67 12.47
CA ILE A 243 -17.46 0.33 11.72
C ILE A 243 -16.77 1.26 12.70
N THR A 244 -15.44 1.38 12.56
CA THR A 244 -14.66 2.32 13.36
C THR A 244 -13.85 3.17 12.40
N VAL A 245 -13.91 4.49 12.58
CA VAL A 245 -13.17 5.44 11.75
C VAL A 245 -12.39 6.39 12.65
N ILE A 246 -11.10 6.52 12.36
CA ILE A 246 -10.24 7.53 12.98
C ILE A 246 -9.72 8.44 11.87
N VAL A 247 -9.87 9.74 12.03
CA VAL A 247 -9.31 10.72 11.10
C VAL A 247 -8.37 11.61 11.89
N ALA A 248 -7.13 11.74 11.41
CA ALA A 248 -6.12 12.53 12.10
C ALA A 248 -5.43 13.45 11.11
N GLN A 249 -5.31 14.72 11.46
CA GLN A 249 -4.69 15.73 10.63
C GLN A 249 -3.34 16.10 11.24
N VAL A 250 -2.30 16.10 10.40
CA VAL A 250 -0.94 16.38 10.86
C VAL A 250 -0.76 17.88 11.06
N LYS A 251 -0.26 18.26 12.23
CA LYS A 251 -0.04 19.66 12.57
C LYS A 251 1.30 19.85 13.28
N ALA A 252 1.82 21.07 13.20
CA ALA A 252 2.88 21.58 14.08
C ALA A 252 4.09 20.65 14.16
N LEU A 253 4.66 20.35 13.01
CA LEU A 253 5.84 19.48 12.98
C LEU A 253 7.10 20.27 13.31
N GLY B 1 21.14 -8.56 3.69
CA GLY B 1 21.47 -8.35 2.29
C GLY B 1 20.34 -8.75 1.36
N LEU B 2 20.54 -8.51 0.07
CA LEU B 2 19.57 -8.86 -0.95
C LEU B 2 20.27 -9.66 -2.05
N THR B 3 19.59 -10.69 -2.53
CA THR B 3 19.93 -11.34 -3.78
C THR B 3 18.99 -10.78 -4.84
N ILE B 4 19.55 -10.17 -5.88
CA ILE B 4 18.79 -9.30 -6.78
C ILE B 4 18.86 -9.83 -8.20
N GLY B 5 17.68 -9.95 -8.82
CA GLY B 5 17.59 -10.24 -10.24
C GLY B 5 16.85 -9.13 -10.95
N THR B 6 17.15 -8.94 -12.23
CA THR B 6 16.57 -7.84 -13.00
C THR B 6 16.21 -8.31 -14.41
N HIS B 7 15.23 -7.65 -15.01
CA HIS B 7 14.98 -7.83 -16.43
C HIS B 7 14.28 -6.59 -16.97
N LEU B 8 14.60 -6.25 -18.21
CA LEU B 8 14.01 -5.10 -18.89
CA LEU B 8 14.04 -5.08 -18.91
C LEU B 8 13.57 -5.50 -20.27
N ILE B 9 12.36 -5.09 -20.65
CA ILE B 9 11.82 -5.34 -21.98
C ILE B 9 11.32 -3.99 -22.49
N PRO B 10 12.02 -3.36 -23.43
CA PRO B 10 11.56 -2.06 -23.94
C PRO B 10 10.26 -2.19 -24.72
N HIS B 11 9.51 -1.09 -24.76
CA HIS B 11 8.40 -0.95 -25.68
C HIS B 11 8.87 -1.38 -27.07
N PRO B 12 8.12 -2.24 -27.78
CA PRO B 12 8.62 -2.79 -29.05
C PRO B 12 9.10 -1.74 -30.02
N ARG B 13 8.44 -0.57 -30.05
CA ARG B 13 8.84 0.48 -30.98
C ARG B 13 10.13 1.15 -30.56
N LYS B 14 10.50 1.10 -29.29
CA LYS B 14 11.68 1.78 -28.78
CA LYS B 14 11.68 1.77 -28.77
C LYS B 14 12.84 0.82 -28.49
N ALA B 15 12.69 -0.45 -28.86
CA ALA B 15 13.70 -1.46 -28.54
C ALA B 15 15.05 -1.13 -29.17
N GLU B 16 15.05 -0.57 -30.37
CA GLU B 16 16.30 -0.31 -31.10
C GLU B 16 17.26 0.55 -30.31
N THR B 17 16.75 1.48 -29.50
CA THR B 17 17.58 2.36 -28.69
C THR B 17 17.56 2.00 -27.22
N GLY B 18 16.98 0.86 -26.86
CA GLY B 18 16.98 0.39 -25.49
C GLY B 18 15.84 0.87 -24.61
N GLY B 19 14.87 1.58 -25.17
CA GLY B 19 13.79 2.09 -24.36
C GLY B 19 14.23 3.29 -23.52
N GLU B 20 13.31 3.71 -22.67
CA GLU B 20 13.51 4.91 -21.87
C GLU B 20 13.44 4.68 -20.37
N ASP B 21 13.27 3.43 -19.94
CA ASP B 21 13.48 3.04 -18.54
C ASP B 21 14.97 2.82 -18.31
N ALA B 22 15.42 3.10 -17.08
CA ALA B 22 16.79 2.82 -16.68
C ALA B 22 16.78 2.33 -15.24
N PHE B 23 17.84 1.63 -14.83
CA PHE B 23 17.88 1.10 -13.48
C PHE B 23 19.31 1.07 -12.95
N PHE B 24 19.41 0.82 -11.65
CA PHE B 24 20.67 0.66 -10.93
C PHE B 24 20.46 -0.43 -9.89
N VAL B 25 21.46 -1.30 -9.75
CA VAL B 25 21.46 -2.36 -8.74
C VAL B 25 22.84 -2.48 -8.14
N ASN B 26 22.92 -2.63 -6.82
CA ASN B 26 24.15 -3.04 -6.16
C ASN B 26 23.78 -4.01 -5.04
N GLY B 27 24.09 -5.29 -5.24
CA GLY B 27 23.81 -6.29 -4.22
C GLY B 27 25.02 -6.71 -3.41
N ASP B 28 26.09 -5.92 -3.46
CA ASP B 28 27.34 -6.33 -2.82
C ASP B 28 27.31 -6.21 -1.31
N ASP B 29 26.59 -5.22 -0.77
CA ASP B 29 26.54 -5.01 0.68
C ASP B 29 25.13 -5.24 1.22
N GLY B 30 24.48 -4.19 1.73
CA GLY B 30 23.15 -4.35 2.27
C GLY B 30 22.08 -4.55 1.22
N GLY B 31 22.31 -4.03 0.01
CA GLY B 31 21.35 -4.13 -1.07
C GLY B 31 20.71 -2.80 -1.39
N VAL B 32 20.86 -2.35 -2.62
CA VAL B 32 20.31 -1.07 -3.07
C VAL B 32 19.89 -1.22 -4.52
N PHE B 33 18.77 -0.61 -4.87
CA PHE B 33 18.38 -0.57 -6.27
C PHE B 33 17.55 0.67 -6.55
N ALA B 34 17.45 1.01 -7.83
CA ALA B 34 16.66 2.16 -8.25
C ALA B 34 16.16 1.91 -9.66
N VAL B 35 15.00 2.51 -9.96
CA VAL B 35 14.41 2.47 -11.30
C VAL B 35 14.00 3.89 -11.65
N ALA B 36 14.24 4.29 -12.90
CA ALA B 36 13.78 5.58 -13.40
C ALA B 36 13.10 5.36 -14.74
N ASP B 37 11.94 5.96 -14.92
CA ASP B 37 11.12 5.80 -16.12
C ASP B 37 11.07 7.16 -16.79
N GLY B 38 11.85 7.33 -17.86
CA GLY B 38 11.77 8.56 -18.63
C GLY B 38 10.41 8.73 -19.27
N VAL B 39 9.89 9.96 -19.20
CA VAL B 39 8.49 10.23 -19.53
C VAL B 39 8.31 10.29 -21.04
N SER B 40 7.36 9.51 -21.56
CA SER B 40 7.22 9.33 -23.01
C SER B 40 7.02 10.63 -23.78
N GLY B 41 6.38 11.63 -23.17
CA GLY B 41 5.98 12.83 -23.92
C GLY B 41 7.11 13.63 -24.54
N TRP B 42 8.37 13.39 -24.17
CA TRP B 42 9.46 14.29 -24.58
C TRP B 42 9.84 14.15 -26.05
N ALA B 43 9.45 13.06 -26.72
CA ALA B 43 9.76 12.94 -28.15
C ALA B 43 9.16 14.09 -28.95
N GLU B 44 8.08 14.69 -28.47
CA GLU B 44 7.44 15.79 -29.17
C GLU B 44 8.25 17.08 -29.11
N LYS B 45 9.25 17.16 -28.25
CA LYS B 45 10.17 18.30 -28.19
C LYS B 45 11.45 18.03 -28.95
N ASP B 46 11.50 16.94 -29.73
CA ASP B 46 12.76 16.46 -30.28
C ASP B 46 13.77 16.23 -29.16
N VAL B 47 13.29 15.66 -28.05
CA VAL B 47 14.11 15.29 -26.91
C VAL B 47 13.98 13.80 -26.70
N ASN B 48 15.11 13.14 -26.49
CA ASN B 48 15.19 11.72 -26.22
C ASN B 48 14.90 11.48 -24.74
N PRO B 49 13.76 10.85 -24.41
CA PRO B 49 13.40 10.68 -22.99
C PRO B 49 14.34 9.79 -22.23
N ALA B 50 15.25 9.07 -22.90
CA ALA B 50 16.13 8.15 -22.20
C ALA B 50 17.32 8.84 -21.58
N LEU B 51 17.72 10.01 -22.05
CA LEU B 51 18.92 10.63 -21.51
C LEU B 51 18.74 11.01 -20.04
N PHE B 52 17.57 11.55 -19.68
CA PHE B 52 17.35 12.00 -18.30
C PHE B 52 17.32 10.82 -17.34
N SER B 53 16.57 9.76 -17.68
CA SER B 53 16.48 8.63 -16.77
C SER B 53 17.83 7.94 -16.61
N ARG B 54 18.58 7.79 -17.72
CA ARG B 54 19.89 7.16 -17.63
C ARG B 54 20.85 8.00 -16.81
N GLU B 55 20.83 9.32 -17.00
CA GLU B 55 21.73 10.17 -16.23
C GLU B 55 21.37 10.17 -14.74
N LEU B 56 20.07 10.16 -14.44
CA LEU B 56 19.64 10.12 -13.05
C LEU B 56 20.18 8.88 -12.35
N MET B 57 20.18 7.74 -13.04
CA MET B 57 20.71 6.51 -12.45
C MET B 57 22.22 6.58 -12.30
N ALA B 58 22.91 7.18 -13.27
CA ALA B 58 24.36 7.32 -13.16
C ALA B 58 24.75 8.16 -11.95
N HIS B 59 24.02 9.27 -11.71
CA HIS B 59 24.35 10.09 -10.55
C HIS B 59 23.93 9.41 -9.25
N THR B 60 22.87 8.59 -9.28
CA THR B 60 22.53 7.80 -8.10
C THR B 60 23.70 6.91 -7.69
N SER B 61 24.33 6.24 -8.65
CA SER B 61 25.52 5.45 -8.36
C SER B 61 26.60 6.28 -7.68
N THR B 62 26.84 7.49 -8.18
CA THR B 62 27.89 8.34 -7.62
C THR B 62 27.54 8.79 -6.21
N PHE B 63 26.32 9.30 -5.99
CA PHE B 63 25.98 9.82 -4.68
C PHE B 63 25.79 8.73 -3.64
N LEU B 64 25.67 7.46 -4.05
CA LEU B 64 25.72 6.37 -3.09
C LEU B 64 27.08 6.27 -2.42
N LYS B 65 28.08 6.98 -2.93
CA LYS B 65 29.38 7.09 -2.28
C LYS B 65 29.55 8.40 -1.54
N ASP B 66 28.46 9.16 -1.35
CA ASP B 66 28.46 10.39 -0.57
C ASP B 66 27.91 10.04 0.81
N GLU B 67 28.79 10.09 1.83
CA GLU B 67 28.42 9.63 3.16
C GLU B 67 27.34 10.50 3.81
N GLU B 68 27.11 11.71 3.31
CA GLU B 68 26.08 12.54 3.91
C GLU B 68 24.67 12.21 3.43
N VAL B 69 24.52 11.45 2.34
CA VAL B 69 23.19 11.17 1.81
C VAL B 69 22.95 9.69 1.55
N ASN B 70 24.00 8.87 1.65
CA ASN B 70 23.89 7.51 1.09
C ASN B 70 23.13 6.54 1.99
N HIS B 71 22.58 7.00 3.12
CA HIS B 71 21.65 6.19 3.89
C HIS B 71 20.25 6.77 3.88
N ASP B 72 19.97 7.73 2.99
CA ASP B 72 18.69 8.41 2.94
C ASP B 72 18.27 8.51 1.48
N PRO B 73 17.45 7.56 1.00
CA PRO B 73 16.98 7.61 -0.39
C PRO B 73 16.43 8.97 -0.84
N GLN B 74 15.72 9.69 0.03
CA GLN B 74 15.19 10.99 -0.37
C GLN B 74 16.31 11.98 -0.67
N LEU B 75 17.38 11.96 0.13
CA LEU B 75 18.49 12.88 -0.09
C LEU B 75 19.35 12.44 -1.27
N LEU B 76 19.43 11.13 -1.52
CA LEU B 76 20.04 10.64 -2.75
C LEU B 76 19.33 11.20 -3.98
N LEU B 77 17.99 11.12 -3.99
CA LEU B 77 17.21 11.72 -5.07
C LEU B 77 17.54 13.21 -5.23
N MET B 78 17.57 13.94 -4.12
CA MET B 78 17.89 15.36 -4.15
C MET B 78 19.19 15.62 -4.90
N LYS B 79 20.25 14.91 -4.52
CA LYS B 79 21.55 15.16 -5.14
C LYS B 79 21.59 14.68 -6.57
N ALA B 80 21.05 13.49 -6.86
CA ALA B 80 21.09 12.97 -8.22
C ALA B 80 20.30 13.86 -9.18
N HIS B 81 19.14 14.33 -8.74
CA HIS B 81 18.33 15.22 -9.57
C HIS B 81 19.08 16.51 -9.87
N ALA B 82 19.67 17.13 -8.85
CA ALA B 82 20.35 18.40 -9.05
C ALA B 82 21.56 18.27 -9.97
N ALA B 83 22.18 17.09 -10.02
CA ALA B 83 23.35 16.86 -10.88
C ALA B 83 22.98 16.55 -12.32
N THR B 84 21.71 16.24 -12.59
CA THR B 84 21.30 15.80 -13.92
C THR B 84 21.09 17.01 -14.81
N THR B 85 21.85 17.07 -15.90
CA THR B 85 21.78 18.21 -16.81
C THR B 85 21.03 17.91 -18.10
N SER B 86 20.81 16.63 -18.44
CA SER B 86 20.05 16.30 -19.64
C SER B 86 18.64 16.89 -19.56
N VAL B 87 18.13 17.33 -20.71
CA VAL B 87 16.74 17.74 -20.80
C VAL B 87 15.83 16.51 -20.74
N GLY B 88 14.77 16.58 -19.95
CA GLY B 88 13.81 15.50 -19.89
C GLY B 88 13.21 15.40 -18.50
N SER B 89 12.57 14.27 -18.24
CA SER B 89 11.98 14.02 -16.93
C SER B 89 11.77 12.53 -16.74
N ALA B 90 11.59 12.13 -15.47
CA ALA B 90 11.40 10.72 -15.17
C ALA B 90 10.66 10.56 -13.84
N THR B 91 9.91 9.47 -13.74
CA THR B 91 9.53 8.97 -12.42
C THR B 91 10.68 8.10 -11.89
N VAL B 92 10.74 7.92 -10.58
CA VAL B 92 11.91 7.27 -10.00
C VAL B 92 11.55 6.68 -8.64
N ILE B 93 12.17 5.55 -8.33
CA ILE B 93 12.11 4.96 -6.99
C ILE B 93 13.51 4.49 -6.62
N ILE B 94 13.90 4.71 -5.36
CA ILE B 94 15.14 4.22 -4.78
C ILE B 94 14.79 3.44 -3.53
N ALA B 95 15.37 2.26 -3.37
CA ALA B 95 15.16 1.43 -2.18
C ALA B 95 16.51 0.89 -1.71
N MET B 96 16.71 0.89 -0.39
CA MET B 96 17.94 0.34 0.18
C MET B 96 17.64 -0.40 1.48
N LEU B 97 18.27 -1.56 1.64
CA LEU B 97 18.03 -2.40 2.81
C LEU B 97 19.15 -2.17 3.81
N GLU B 98 18.78 -1.77 5.03
CA GLU B 98 19.74 -1.73 6.12
C GLU B 98 19.97 -3.14 6.67
N LYS B 99 21.09 -3.30 7.39
CA LYS B 99 21.47 -4.61 7.89
C LYS B 99 20.44 -5.18 8.85
N THR B 100 19.68 -4.31 9.51
CA THR B 100 18.62 -4.70 10.42
C THR B 100 17.38 -5.22 9.71
N GLY B 101 17.34 -5.12 8.38
CA GLY B 101 16.16 -5.50 7.64
C GLY B 101 15.19 -4.38 7.35
N ILE B 102 15.51 -3.14 7.74
CA ILE B 102 14.64 -2.01 7.41
C ILE B 102 14.91 -1.58 5.97
N LEU B 103 13.88 -1.67 5.14
CA LEU B 103 13.97 -1.23 3.76
C LEU B 103 13.51 0.22 3.69
N LYS B 104 14.41 1.12 3.27
CA LYS B 104 14.11 2.54 3.13
C LYS B 104 13.78 2.85 1.68
N ILE B 105 12.71 3.62 1.46
CA ILE B 105 12.19 3.89 0.12
C ILE B 105 11.97 5.39 -0.06
N ALA B 106 12.31 5.89 -1.25
CA ALA B 106 11.83 7.20 -1.69
C ALA B 106 11.35 7.07 -3.13
N SER B 107 10.18 7.62 -3.42
CA SER B 107 9.55 7.45 -4.72
C SER B 107 8.95 8.77 -5.18
N VAL B 108 9.18 9.10 -6.45
CA VAL B 108 8.52 10.24 -7.10
C VAL B 108 7.82 9.69 -8.34
N GLY B 109 6.49 9.70 -8.34
CA GLY B 109 5.74 9.27 -9.50
C GLY B 109 5.13 7.89 -9.39
N ASP B 110 5.20 7.12 -10.49
CA ASP B 110 4.42 5.88 -10.58
C ASP B 110 5.26 4.66 -10.93
N CYS B 111 6.55 4.68 -10.58
CA CYS B 111 7.21 3.41 -10.31
C CYS B 111 6.56 2.79 -9.09
N GLY B 112 6.89 1.53 -8.81
CA GLY B 112 6.27 0.87 -7.68
C GLY B 112 7.19 -0.12 -7.00
N LEU B 113 6.76 -0.55 -5.82
CA LEU B 113 7.47 -1.54 -5.03
C LEU B 113 6.45 -2.30 -4.19
N LYS B 114 6.57 -3.62 -4.22
CA LYS B 114 5.73 -4.48 -3.38
C LYS B 114 6.61 -5.44 -2.61
N VAL B 115 6.16 -5.81 -1.41
CA VAL B 115 6.81 -6.85 -0.61
C VAL B 115 5.84 -8.02 -0.50
N ILE B 116 6.32 -9.21 -0.86
CA ILE B 116 5.55 -10.43 -0.78
C ILE B 116 6.12 -11.27 0.35
N ARG B 117 5.28 -11.59 1.32
CA ARG B 117 5.65 -12.38 2.49
C ARG B 117 4.57 -13.43 2.67
N LYS B 118 4.99 -14.68 2.83
CA LYS B 118 4.07 -15.79 3.09
C LYS B 118 2.91 -15.82 2.10
N GLY B 119 3.22 -15.65 0.82
CA GLY B 119 2.25 -15.82 -0.23
C GLY B 119 1.26 -14.70 -0.44
N GLN B 120 1.55 -13.50 0.09
CA GLN B 120 0.65 -12.38 -0.17
C GLN B 120 1.45 -11.08 -0.19
N VAL B 121 0.90 -10.09 -0.88
CA VAL B 121 1.47 -8.75 -0.86
C VAL B 121 1.14 -8.12 0.48
N MET B 122 2.18 -7.79 1.25
CA MET B 122 1.96 -7.16 2.54
C MET B 122 2.37 -5.69 2.57
N PHE B 123 2.99 -5.18 1.50
CA PHE B 123 3.34 -3.77 1.42
C PHE B 123 3.34 -3.39 -0.06
N SER B 124 2.78 -2.23 -0.38
CA SER B 124 2.72 -1.80 -1.78
C SER B 124 2.69 -0.28 -1.82
N THR B 125 3.65 0.32 -2.53
CA THR B 125 3.70 1.77 -2.65
C THR B 125 2.54 2.29 -3.52
N OCY B 126 2.14 3.53 -3.26
CA OCY B 126 1.06 4.15 -4.00
CB OCY B 126 0.06 4.94 -3.14
SG OCY B 126 -0.72 3.93 -1.90
CD OCY B 126 -1.63 2.73 -2.84
CE OCY B 126 -3.12 2.98 -2.65
OZ OCY B 126 -3.49 4.00 -3.55
C OCY B 126 1.64 5.14 -5.00
O OCY B 126 2.53 5.94 -4.69
N PRO B 127 1.17 5.09 -6.24
CA PRO B 127 1.63 6.03 -7.27
C PRO B 127 1.16 7.47 -7.01
N GLN B 128 1.96 8.43 -7.44
CA GLN B 128 1.64 9.85 -7.33
C GLN B 128 1.39 10.41 -8.71
N GLU B 129 0.26 11.12 -8.87
CA GLU B 129 0.00 11.74 -10.16
C GLU B 129 -0.74 13.07 -10.01
N HIS B 130 -0.60 13.89 -11.05
CA HIS B 130 -1.38 15.13 -11.14
C HIS B 130 -2.79 14.86 -11.64
N TYR B 131 -2.93 13.87 -12.51
CA TYR B 131 -4.21 13.34 -12.98
C TYR B 131 -3.86 12.04 -13.69
N PHE B 132 -4.87 11.35 -14.23
CA PHE B 132 -4.64 9.98 -14.71
C PHE B 132 -3.53 9.95 -15.75
N ASP B 133 -2.52 9.12 -15.48
CA ASP B 133 -1.38 8.91 -16.37
C ASP B 133 -0.47 10.13 -16.58
N OCY B 134 -0.54 11.07 -15.64
CA OCY B 134 0.35 12.20 -15.63
CB OCY B 134 -0.36 13.55 -15.90
SG OCY B 134 0.69 14.98 -15.81
CD OCY B 134 2.28 14.48 -16.38
CE OCY B 134 2.24 14.12 -17.84
OZ OCY B 134 3.40 13.35 -18.08
C OCY B 134 1.01 12.21 -14.26
O OCY B 134 0.55 12.80 -13.29
N PRO B 135 2.14 11.52 -14.16
CA PRO B 135 2.74 11.29 -12.83
C PRO B 135 3.54 12.46 -12.29
N TYR B 136 3.72 12.53 -10.98
CA TYR B 136 4.80 13.33 -10.42
C TYR B 136 6.10 12.88 -11.08
N GLN B 137 6.97 13.84 -11.36
CA GLN B 137 8.18 13.50 -12.09
C GLN B 137 9.26 14.53 -11.79
N LEU B 138 10.49 14.06 -11.70
CA LEU B 138 11.65 14.95 -11.60
C LEU B 138 12.05 15.35 -13.01
N SER B 139 12.41 16.61 -13.20
CA SER B 139 12.56 17.14 -14.54
C SER B 139 13.68 18.15 -14.63
N SER B 140 14.07 18.44 -15.86
CA SER B 140 14.87 19.62 -16.22
C SER B 140 14.06 20.90 -16.19
N GLU B 141 12.73 20.82 -16.07
CA GLU B 141 11.88 21.99 -16.13
C GLU B 141 11.34 22.35 -14.75
N ALA B 142 11.18 23.65 -14.50
CA ALA B 142 10.71 24.13 -13.21
C ALA B 142 9.34 23.59 -12.84
N ILE B 143 8.51 23.23 -13.82
CA ILE B 143 7.16 22.74 -13.54
C ILE B 143 7.16 21.35 -12.93
N GLY B 144 8.26 20.62 -12.99
CA GLY B 144 8.32 19.30 -12.41
C GLY B 144 8.40 19.34 -10.88
N GLN B 145 8.51 18.14 -10.31
CA GLN B 145 8.57 17.96 -8.87
C GLN B 145 10.03 17.93 -8.39
N THR B 146 10.20 17.92 -7.07
CA THR B 146 11.54 17.82 -6.48
C THR B 146 11.52 16.74 -5.41
N TYR B 147 12.69 16.51 -4.81
CA TYR B 147 12.78 15.54 -3.71
C TYR B 147 11.81 15.83 -2.58
N LEU B 148 11.43 17.10 -2.40
CA LEU B 148 10.47 17.45 -1.36
C LEU B 148 9.10 16.83 -1.59
N ASP B 149 8.80 16.45 -2.83
CA ASP B 149 7.54 15.83 -3.19
C ASP B 149 7.56 14.32 -3.10
N ALA B 150 8.70 13.71 -2.77
CA ALA B 150 8.79 12.27 -2.74
C ALA B 150 7.93 11.67 -1.65
N LEU B 151 7.38 10.50 -1.94
CA LEU B 151 6.84 9.63 -0.91
C LEU B 151 8.02 8.93 -0.26
N VAL B 152 8.16 9.11 1.05
CA VAL B 152 9.30 8.58 1.80
C VAL B 152 8.75 7.65 2.89
N CYS B 153 9.19 6.39 2.87
CA CYS B 153 8.63 5.40 3.78
C CYS B 153 9.65 4.30 4.04
N THR B 154 9.35 3.45 5.03
CA THR B 154 10.16 2.28 5.30
C THR B 154 9.24 1.11 5.59
N VAL B 155 9.80 -0.10 5.45
CA VAL B 155 9.09 -1.32 5.83
C VAL B 155 10.12 -2.29 6.40
N ASN B 156 9.80 -2.91 7.52
CA ASN B 156 10.72 -3.86 8.13
C ASN B 156 10.57 -5.22 7.46
N LEU B 157 11.67 -5.77 6.98
CA LEU B 157 11.66 -7.03 6.25
C LEU B 157 12.20 -8.16 7.11
N MET B 158 11.88 -9.37 6.68
CA MET B 158 12.34 -10.59 7.32
C MET B 158 12.97 -11.47 6.27
N GLU B 159 13.84 -12.38 6.71
CA GLU B 159 14.47 -13.30 5.77
C GLU B 159 13.42 -14.06 4.97
N GLY B 160 13.68 -14.17 3.67
CA GLY B 160 12.77 -14.82 2.76
C GLY B 160 11.76 -13.91 2.09
N ASP B 161 11.58 -12.69 2.59
CA ASP B 161 10.69 -11.75 1.92
C ASP B 161 11.15 -11.54 0.49
N MET B 162 10.19 -11.30 -0.41
CA MET B 162 10.47 -11.02 -1.80
C MET B 162 10.03 -9.60 -2.14
N ILE B 163 10.98 -8.79 -2.61
CA ILE B 163 10.68 -7.43 -3.05
C ILE B 163 10.53 -7.46 -4.56
N VAL B 164 9.46 -6.85 -5.07
CA VAL B 164 9.26 -6.73 -6.51
C VAL B 164 9.07 -5.26 -6.82
N SER B 165 9.94 -4.70 -7.64
CA SER B 165 9.90 -3.27 -7.95
C SER B 165 10.03 -3.09 -9.46
N GLY B 166 9.60 -1.94 -9.96
CA GLY B 166 9.72 -1.70 -11.38
C GLY B 166 8.98 -0.45 -11.79
N SER B 167 8.89 -0.27 -13.10
CA SER B 167 8.24 0.89 -13.69
C SER B 167 6.76 0.64 -13.85
N ASP B 168 6.04 1.71 -14.21
CA ASP B 168 4.60 1.57 -14.47
C ASP B 168 4.31 0.61 -15.61
N GLY B 169 5.25 0.42 -16.54
CA GLY B 169 5.04 -0.57 -17.59
C GLY B 169 4.85 -1.96 -17.05
N PHE B 170 5.48 -2.26 -15.91
CA PHE B 170 5.25 -3.53 -15.24
C PHE B 170 3.89 -3.53 -14.54
N PHE B 171 3.70 -2.63 -13.56
CA PHE B 171 2.54 -2.72 -12.69
C PHE B 171 1.23 -2.42 -13.41
N ASP B 172 1.25 -1.65 -14.49
CA ASP B 172 0.02 -1.39 -15.22
C ASP B 172 -0.48 -2.62 -15.96
N ASN B 173 0.33 -3.68 -16.05
CA ASN B 173 0.06 -4.82 -16.92
C ASN B 173 0.09 -6.15 -16.18
N ILE B 174 0.04 -6.16 -14.86
CA ILE B 174 0.09 -7.42 -14.11
C ILE B 174 -0.63 -7.24 -12.78
N PHE B 175 -1.40 -8.25 -12.39
CA PHE B 175 -2.12 -8.19 -11.13
C PHE B 175 -1.28 -8.79 -10.00
N ASP B 176 -1.57 -8.33 -8.78
CA ASP B 176 -0.86 -8.82 -7.59
C ASP B 176 -0.86 -10.33 -7.51
N GLN B 177 -2.00 -10.97 -7.77
CA GLN B 177 -2.05 -12.42 -7.66
C GLN B 177 -1.18 -13.10 -8.70
N GLU B 178 -0.99 -12.46 -9.86
CA GLU B 178 -0.08 -13.01 -10.86
C GLU B 178 1.37 -12.86 -10.42
N ILE B 179 1.69 -11.75 -9.77
CA ILE B 179 3.04 -11.58 -9.24
C ILE B 179 3.35 -12.68 -8.25
N VAL B 180 2.41 -12.93 -7.34
CA VAL B 180 2.57 -13.96 -6.32
C VAL B 180 2.72 -15.33 -6.97
N SER B 181 1.87 -15.63 -7.95
CA SER B 181 1.91 -16.94 -8.59
C SER B 181 3.23 -17.17 -9.33
N VAL B 182 3.67 -16.17 -10.11
CA VAL B 182 4.92 -16.33 -10.85
C VAL B 182 6.10 -16.50 -9.91
N ILE B 183 6.13 -15.68 -8.85
CA ILE B 183 7.22 -15.79 -7.86
C ILE B 183 7.25 -17.19 -7.26
N SER B 184 6.07 -17.70 -6.89
CA SER B 184 6.01 -19.00 -6.23
C SER B 184 6.57 -20.11 -7.10
N GLU B 185 6.40 -20.01 -8.41
CA GLU B 185 6.82 -21.08 -9.32
C GLU B 185 8.16 -20.82 -9.98
N SER B 186 8.87 -19.77 -9.58
CA SER B 186 10.20 -19.50 -10.11
C SER B 186 11.27 -20.01 -9.16
N PRO B 187 12.33 -20.62 -9.69
CA PRO B 187 13.38 -21.19 -8.82
C PRO B 187 14.45 -20.21 -8.37
N GLY B 188 14.41 -18.95 -8.80
CA GLY B 188 15.43 -18.00 -8.41
C GLY B 188 15.03 -16.61 -8.87
N VAL B 189 15.79 -15.62 -8.38
CA VAL B 189 15.41 -14.22 -8.64
C VAL B 189 15.62 -13.86 -10.11
N ASP B 190 16.65 -14.41 -10.74
CA ASP B 190 16.87 -14.13 -12.16
C ASP B 190 15.68 -14.63 -12.99
N GLU B 191 15.27 -15.87 -12.75
CA GLU B 191 14.14 -16.44 -13.49
C GLU B 191 12.85 -15.72 -13.16
N ALA B 192 12.68 -15.30 -11.90
CA ALA B 192 11.48 -14.58 -11.50
C ALA B 192 11.38 -13.24 -12.22
N ALA B 193 12.47 -12.49 -12.27
CA ALA B 193 12.44 -11.19 -12.93
C ALA B 193 12.09 -11.34 -14.40
N LYS B 194 12.69 -12.33 -15.07
CA LYS B 194 12.39 -12.56 -16.48
C LYS B 194 10.95 -13.01 -16.69
N ALA B 195 10.47 -13.96 -15.89
CA ALA B 195 9.11 -14.44 -16.08
C ALA B 195 8.08 -13.36 -15.79
N LEU B 196 8.33 -12.53 -14.76
CA LEU B 196 7.43 -11.43 -14.46
C LEU B 196 7.41 -10.41 -15.59
N ALA B 197 8.59 -10.02 -16.07
CA ALA B 197 8.65 -9.06 -17.17
C ALA B 197 7.96 -9.61 -18.42
N GLU B 198 8.16 -10.91 -18.71
CA GLU B 198 7.57 -11.48 -19.92
C GLU B 198 6.05 -11.57 -19.82
N LEU B 199 5.52 -11.87 -18.63
CA LEU B 199 4.07 -11.91 -18.47
C LEU B 199 3.46 -10.52 -18.63
N ALA B 200 4.07 -9.51 -18.00
CA ALA B 200 3.62 -8.14 -18.21
C ALA B 200 3.69 -7.75 -19.68
N ARG B 201 4.75 -8.18 -20.37
CA ARG B 201 4.87 -7.84 -21.79
C ARG B 201 3.75 -8.50 -22.60
N LYS B 202 3.47 -9.77 -22.32
CA LYS B 202 2.38 -10.45 -23.01
C LYS B 202 1.07 -9.71 -22.79
N HIS B 203 0.82 -9.27 -21.55
CA HIS B 203 -0.42 -8.55 -21.27
C HIS B 203 -0.44 -7.18 -21.94
N SER B 204 0.72 -6.53 -22.00
CA SER B 204 0.79 -5.14 -22.46
C SER B 204 0.39 -5.00 -23.93
N VAL B 205 0.67 -6.02 -24.74
CA VAL B 205 0.35 -5.99 -26.16
C VAL B 205 -0.99 -6.62 -26.48
N ASP B 206 -1.70 -7.11 -25.47
CA ASP B 206 -2.96 -7.85 -25.64
C ASP B 206 -4.12 -6.87 -25.54
N VAL B 207 -4.74 -6.53 -26.68
CA VAL B 207 -5.86 -5.61 -26.70
C VAL B 207 -7.12 -6.19 -26.09
N THR B 208 -7.12 -7.48 -25.76
CA THR B 208 -8.26 -8.16 -25.17
C THR B 208 -8.12 -8.36 -23.66
N PHE B 209 -7.01 -7.93 -23.08
CA PHE B 209 -6.75 -8.19 -21.66
C PHE B 209 -7.21 -7.00 -20.82
N ASP B 210 -8.03 -7.28 -19.81
CA ASP B 210 -8.47 -6.22 -18.88
C ASP B 210 -7.35 -6.05 -17.87
N SER B 211 -6.50 -5.07 -18.10
CA SER B 211 -5.29 -4.87 -17.32
C SER B 211 -5.60 -4.03 -16.10
N PRO B 212 -4.68 -3.96 -15.13
CA PRO B 212 -4.84 -2.97 -14.06
C PRO B 212 -5.05 -1.58 -14.61
N TYR B 213 -4.32 -1.25 -15.68
CA TYR B 213 -4.44 0.07 -16.30
C TYR B 213 -5.85 0.34 -16.82
N SER B 214 -6.42 -0.62 -17.57
CA SER B 214 -7.74 -0.37 -18.15
C SER B 214 -8.83 -0.37 -17.07
N MET B 215 -8.73 -1.25 -16.08
CA MET B 215 -9.64 -1.20 -14.93
C MET B 215 -9.55 0.15 -14.23
N GLU B 216 -8.33 0.61 -13.97
CA GLU B 216 -8.15 1.88 -13.29
C GLU B 216 -8.71 3.03 -14.11
N ALA B 217 -8.53 2.99 -15.43
CA ALA B 217 -9.08 4.03 -16.29
C ALA B 217 -10.60 4.09 -16.20
N ARG B 218 -11.25 2.93 -16.22
CA ARG B 218 -12.71 2.91 -16.08
C ARG B 218 -13.14 3.45 -14.72
N SER B 219 -12.34 3.21 -13.68
CA SER B 219 -12.68 3.76 -12.38
C SER B 219 -12.60 5.29 -12.35
N ARG B 220 -11.82 5.92 -13.24
CA ARG B 220 -11.66 7.37 -13.23
C ARG B 220 -12.70 8.10 -14.09
N GLY B 221 -13.56 7.36 -14.79
CA GLY B 221 -14.53 7.98 -15.67
C GLY B 221 -14.15 8.00 -17.14
N PHE B 222 -13.11 7.26 -17.54
CA PHE B 222 -12.75 7.14 -18.94
C PHE B 222 -13.60 6.10 -19.68
N ASP B 223 -14.59 5.54 -19.01
CA ASP B 223 -15.33 4.41 -19.56
C ASP B 223 -16.26 4.85 -20.67
N VAL B 224 -16.67 3.87 -21.48
CA VAL B 224 -17.69 4.06 -22.50
C VAL B 224 -19.05 4.02 -21.79
N PRO B 225 -20.13 4.47 -22.41
CA PRO B 225 -21.44 4.34 -21.76
C PRO B 225 -21.80 2.88 -21.49
N SER B 226 -22.54 2.66 -20.41
CA SER B 226 -22.89 1.30 -20.00
C SER B 226 -23.67 0.56 -21.08
N TRP B 227 -24.44 1.28 -21.90
CA TRP B 227 -25.20 0.62 -22.97
C TRP B 227 -24.34 0.28 -24.19
N LYS B 228 -23.09 0.74 -24.23
CA LYS B 228 -22.17 0.44 -25.33
C LYS B 228 -21.15 -0.62 -24.95
N LYS B 229 -21.34 -1.32 -23.84
CA LYS B 229 -20.34 -2.25 -23.35
C LYS B 229 -20.54 -3.66 -23.91
N PHE B 230 -20.58 -3.73 -25.24
CA PHE B 230 -20.66 -5.03 -25.89
C PHE B 230 -19.26 -5.64 -25.99
N ILE B 231 -19.23 -6.97 -26.14
CA ILE B 231 -17.96 -7.66 -26.34
C ILE B 231 -17.40 -7.22 -27.69
N GLY B 232 -16.18 -6.66 -27.65
CA GLY B 232 -15.58 -5.99 -28.79
C GLY B 232 -15.54 -4.48 -28.64
N GLY B 233 -16.29 -3.94 -27.69
CA GLY B 233 -16.36 -2.49 -27.54
C GLY B 233 -16.03 -1.95 -26.17
N LYS B 234 -15.52 -2.80 -25.28
CA LYS B 234 -15.24 -2.37 -23.92
C LYS B 234 -13.90 -1.65 -23.84
N LEU B 235 -13.76 -0.81 -22.81
CA LEU B 235 -12.51 -0.11 -22.53
C LEU B 235 -11.61 -1.08 -21.78
N ILE B 236 -10.85 -1.86 -22.55
CA ILE B 236 -9.94 -2.88 -22.02
C ILE B 236 -8.67 -2.84 -22.85
N GLY B 237 -7.67 -3.58 -22.39
CA GLY B 237 -6.41 -3.69 -23.11
C GLY B 237 -5.20 -3.46 -22.21
N GLY B 238 -4.11 -4.14 -22.55
CA GLY B 238 -2.83 -3.83 -21.93
C GLY B 238 -2.34 -2.46 -22.36
N LYS B 239 -1.33 -1.97 -21.65
CA LYS B 239 -0.74 -0.67 -21.90
C LYS B 239 0.70 -0.86 -22.38
N MET B 240 0.93 -0.66 -23.67
CA MET B 240 2.28 -0.86 -24.20
C MET B 240 3.24 0.15 -23.57
N ASN B 241 4.42 -0.33 -23.17
CA ASN B 241 5.29 0.51 -22.37
C ASN B 241 6.60 -0.24 -22.17
N ASP B 242 7.67 0.51 -21.92
CA ASP B 242 8.89 -0.08 -21.40
C ASP B 242 8.57 -0.78 -20.08
N ILE B 243 9.17 -1.96 -19.88
CA ILE B 243 8.93 -2.76 -18.67
C ILE B 243 10.26 -3.00 -17.98
N THR B 244 10.34 -2.62 -16.71
CA THR B 244 11.51 -2.91 -15.88
C THR B 244 11.04 -3.63 -14.64
N VAL B 245 11.70 -4.73 -14.30
CA VAL B 245 11.37 -5.55 -13.14
C VAL B 245 12.63 -5.82 -12.33
N ILE B 246 12.58 -5.53 -11.04
CA ILE B 246 13.63 -5.91 -10.09
C ILE B 246 13.01 -6.85 -9.07
N VAL B 247 13.64 -8.01 -8.86
CA VAL B 247 13.20 -8.99 -7.86
C VAL B 247 14.34 -9.17 -6.87
N ALA B 248 14.06 -8.99 -5.59
CA ALA B 248 15.10 -9.05 -4.56
C ALA B 248 14.63 -9.90 -3.39
N GLN B 249 15.45 -10.90 -3.03
N GLN B 249 15.41 -10.93 -3.06
CA GLN B 249 15.17 -11.80 -1.93
CA GLN B 249 15.11 -11.79 -1.92
C GLN B 249 16.00 -11.39 -0.72
C GLN B 249 15.97 -11.37 -0.73
N VAL B 250 15.34 -11.25 0.43
CA VAL B 250 16.03 -10.83 1.65
C VAL B 250 16.79 -12.02 2.23
N LYS B 251 18.08 -11.81 2.53
CA LYS B 251 18.94 -12.85 3.06
C LYS B 251 19.83 -12.30 4.16
N ALA B 252 20.23 -13.18 5.08
CA ALA B 252 21.32 -12.93 6.03
C ALA B 252 21.16 -11.61 6.78
N LEU B 253 20.06 -11.50 7.52
CA LEU B 253 19.83 -10.31 8.33
C LEU B 253 20.57 -10.40 9.66
MG MG C . -15.25 -7.75 14.65
MG MG D . -13.31 -9.10 9.53
MG MG E . -11.02 -8.71 3.88
P PO4 F . -15.50 -8.68 12.02
O1 PO4 F . -14.74 -9.50 13.03
O2 PO4 F . -14.61 -8.32 10.85
O3 PO4 F . -16.69 -9.47 11.48
O4 PO4 F . -15.97 -7.40 12.66
OH POG G . -4.63 -21.08 10.21
C2 POG G . -6.02 -21.19 10.23
C1 POG G . -6.62 -20.30 9.14
C3 POG G . -6.56 -20.76 11.60
O2 POG G . -6.45 -19.37 11.73
C5 POG G . -6.75 -18.88 13.01
O1 POG G . -12.04 -24.80 26.29
C4 POG G . -11.12 -23.77 26.53
C6 POG G . -10.61 -23.21 25.20
O3 POG G . -9.92 -24.20 24.49
C7 POG G . -10.59 -24.64 23.34
C8 POG G . -9.79 -24.26 22.09
O4 POG G . -10.19 -23.00 21.60
C9 POG G . -11.21 -23.00 20.63
C10 POG G . -10.73 -22.29 19.36
O5 POG G . -11.67 -21.33 18.95
C11 POG G . -11.13 -20.41 18.05
C12 POG G . -12.15 -20.00 16.99
O6 POG G . -11.71 -18.87 16.28
C13 POG G . -11.03 -19.16 15.08
C14 POG G . -9.74 -18.35 14.95
O7 POG G . -8.74 -19.13 14.36
C15 POG G . -8.25 -18.63 13.15
C16 POG G . -6.00 -17.56 13.21
C17 POG G . -9.26 -17.91 16.33
C18 POG G . -13.48 -19.70 17.70
C19 POG G . -10.55 -23.29 18.24
C20 POG G . -9.97 -25.37 21.05
C21 POG G . -9.68 -22.02 25.46
MN MN H . -14.79 -6.12 11.26
MG MG I . 8.86 6.05 -19.97
MG MG J . 3.84 6.35 -17.38
MG MG K . -0.89 5.09 -13.76
P PO4 L . 6.06 5.92 -19.84
O1 PO4 L . 5.25 5.53 -18.64
O2 PO4 L . 7.12 4.85 -20.05
O3 PO4 L . 5.16 5.98 -21.07
O4 PO4 L . 6.78 7.24 -19.68
OH POG M . 15.43 22.24 -22.70
C2 POG M . 15.67 22.74 -23.98
C1 POG M . 17.18 22.80 -24.20
C3 POG M . 15.08 24.14 -24.08
O2 POG M . 13.74 24.11 -23.67
C5 POG M . 13.10 25.35 -23.77
O1 POG M . 1.89 19.42 -14.32
C4 POG M . 2.49 18.37 -15.03
C6 POG M . 3.95 18.68 -15.30
O3 POG M . 4.21 18.61 -16.68
C7 POG M . 5.00 17.55 -17.13
C8 POG M . 6.02 18.08 -18.15
O4 POG M . 6.08 17.19 -19.24
C9 POG M . 5.79 17.79 -20.46
C10 POG M . 6.96 17.58 -21.42
O5 POG M . 7.06 18.68 -22.28
C11 POG M . 8.12 19.55 -21.99
C12 POG M . 7.71 21.01 -22.18
O6 POG M . 8.75 21.74 -22.76
C13 POG M . 9.52 22.58 -21.94
C14 POG M . 9.89 23.86 -22.71
O7 POG M . 11.26 24.12 -22.66
C15 POG M . 11.62 25.27 -23.40
C16 POG M . 13.22 25.85 -25.22
C17 POG M . 9.10 25.03 -22.14
C18 POG M . 7.27 21.60 -20.83
C19 POG M . 6.72 16.31 -22.23
C20 POG M . 7.40 18.18 -17.50
C21 POG M . 4.83 17.71 -14.50
OH POG N . -10.23 -0.59 -9.88
C2 POG N . -8.92 -0.41 -9.40
C1 POG N . -8.38 0.94 -9.87
C3 POG N . -8.01 -1.49 -9.97
O2 POG N . -7.72 -2.43 -8.98
C5 POG N . -7.64 -3.72 -9.49
O3 POG N . -7.65 -12.89 -16.63
C7 POG N . -7.31 -13.67 -15.51
C8 POG N . -6.33 -12.89 -14.62
O4 POG N . -6.92 -11.69 -14.21
C9 POG N . -6.79 -11.44 -12.84
C10 POG N . -8.15 -11.08 -12.24
O5 POG N . -8.02 -9.92 -11.46
C11 POG N . -9.08 -9.63 -10.59
C12 POG N . -9.65 -8.25 -10.89
O6 POG N . -9.07 -7.27 -10.07
C13 POG N . -9.22 -7.44 -8.68
C14 POG N . -9.90 -6.21 -8.05
O7 POG N . -9.43 -5.02 -8.64
C15 POG N . -8.09 -4.72 -8.43
C16 POG N . -6.20 -4.00 -9.93
C17 POG N . -9.64 -6.19 -6.54
C18 POG N . -11.17 -8.26 -10.73
C19 POG N . -8.63 -12.25 -11.38
C20 POG N . -5.05 -12.61 -15.41
MN MN O . 6.41 3.76 -18.18
#